data_6Z3V
#
_entry.id   6Z3V
#
_cell.length_a   39.070
_cell.length_b   68.090
_cell.length_c   50.860
_cell.angle_alpha   90.000
_cell.angle_beta   106.870
_cell.angle_gamma   90.000
#
_symmetry.space_group_name_H-M   'P 1 21 1'
#
loop_
_entity.id
_entity.type
_entity.pdbx_description
1 polymer 'Superoxide dismutase [Cu-Zn]'
2 non-polymer 'ZINC ION'
3 non-polymer 5-fluoranyl-~{N}-(3-morpholin-4-ylcarbonylphenyl)-2-selanyl-benzamide
4 non-polymer 'SULFATE ION'
5 water water
#
_entity_poly.entity_id   1
_entity_poly.type   'polypeptide(L)'
_entity_poly.pdbx_seq_one_letter_code
;ATKVVCVLKGDGPVQGIINFEQKESNGPVKVWGSIKGLTEGLHGFHVHEFGDNTAGCTSAGPHFNPLSRKHGGPKDEERH
VGDLGNVTADKDGVADVSIEDSVISLSGDHCIIGRTLVVHEKADDLGKGGNEESTKTGNAGSRLACGVIGIAQ
;
_entity_poly.pdbx_strand_id   AAA,BBB
#
loop_
_chem_comp.id
_chem_comp.type
_chem_comp.name
_chem_comp.formula
Q6H non-polymer 5-fluoranyl-~{N}-(3-morpholin-4-ylcarbonylphenyl)-2-selanyl-benzamide 'C18 H17 F N2 O3 Se'
SO4 non-polymer 'SULFATE ION' 'O4 S -2'
ZN non-polymer 'ZINC ION' 'Zn 2'
#
# COMPACT_ATOMS: atom_id res chain seq x y z
N ALA A 1 -4.26 20.16 1.95
CA ALA A 1 -4.00 19.03 2.92
C ALA A 1 -3.81 17.70 2.16
N THR A 2 -2.94 16.85 2.69
CA THR A 2 -2.65 15.50 2.17
C THR A 2 -3.29 14.49 3.13
N LYS A 3 -3.99 13.50 2.57
CA LYS A 3 -4.70 12.47 3.34
C LYS A 3 -4.20 11.10 2.85
N VAL A 4 -3.88 10.23 3.78
CA VAL A 4 -3.28 8.90 3.57
C VAL A 4 -4.00 7.89 4.45
N VAL A 5 -4.01 6.62 4.07
CA VAL A 5 -4.79 5.63 4.83
C VAL A 5 -4.06 4.30 4.79
N CYS A 6 -4.32 3.49 5.77
CA CYS A 6 -3.77 2.13 5.83
C CYS A 6 -4.80 1.19 6.43
N VAL A 7 -5.01 0.07 5.81
CA VAL A 7 -5.92 -1.00 6.29
C VAL A 7 -5.01 -2.08 6.85
N LEU A 8 -5.14 -2.34 8.13
CA LEU A 8 -4.32 -3.36 8.82
C LEU A 8 -5.06 -4.69 8.80
N LYS A 9 -4.40 -5.76 8.43
CA LYS A 9 -5.02 -7.10 8.45
C LYS A 9 -3.95 -8.10 8.86
N GLY A 10 -4.46 -9.06 9.65
CA GLY A 10 -3.77 -10.20 10.28
C GLY A 10 -4.75 -11.17 10.92
N ASP A 11 -4.19 -12.30 11.32
CA ASP A 11 -4.88 -13.46 11.93
C ASP A 11 -5.54 -13.07 13.27
N GLY A 12 -6.76 -13.51 13.47
CA GLY A 12 -7.44 -13.33 14.78
C GLY A 12 -8.95 -13.24 14.64
N PRO A 13 -9.56 -12.30 13.86
CA PRO A 13 -8.87 -11.24 13.11
C PRO A 13 -8.30 -10.06 13.93
N VAL A 14 -7.05 -9.66 13.74
CA VAL A 14 -6.53 -8.33 14.19
C VAL A 14 -6.73 -7.43 13.00
N GLN A 15 -7.61 -6.46 13.06
CA GLN A 15 -7.87 -5.65 11.87
C GLN A 15 -8.08 -4.20 12.29
N GLY A 16 -7.70 -3.29 11.45
CA GLY A 16 -7.77 -1.88 11.81
C GLY A 16 -7.79 -1.00 10.58
N ILE A 17 -8.14 0.23 10.81
CA ILE A 17 -8.17 1.28 9.76
C ILE A 17 -7.50 2.47 10.37
N ILE A 18 -6.43 2.95 9.75
CA ILE A 18 -5.63 4.09 10.29
C ILE A 18 -5.57 5.19 9.24
N ASN A 19 -5.97 6.39 9.61
CA ASN A 19 -5.96 7.57 8.72
C ASN A 19 -4.83 8.48 9.14
N PHE A 20 -4.26 9.15 8.16
CA PHE A 20 -3.16 10.11 8.36
C PHE A 20 -3.53 11.38 7.63
N GLU A 21 -3.29 12.54 8.24
CA GLU A 21 -3.54 13.83 7.55
C GLU A 21 -2.43 14.81 7.86
N GLN A 22 -1.99 15.55 6.87
CA GLN A 22 -0.95 16.57 7.01
C GLN A 22 -1.44 17.83 6.32
N LYS A 23 -1.63 18.92 7.07
CA LYS A 23 -2.11 20.22 6.49
C LYS A 23 -1.02 20.86 5.65
N GLU A 24 0.24 20.77 6.06
CA GLU A 24 1.34 21.30 5.21
C GLU A 24 2.60 20.46 5.39
N SER A 25 3.50 20.49 4.41
CA SER A 25 4.66 19.57 4.38
C SER A 25 5.61 19.85 5.54
N ASN A 26 5.62 21.06 6.11
CA ASN A 26 6.52 21.39 7.24
C ASN A 26 5.77 21.22 8.56
N GLY A 27 4.58 20.61 8.53
CA GLY A 27 3.76 20.46 9.73
C GLY A 27 3.59 19.02 10.17
N PRO A 28 2.95 18.83 11.31
CA PRO A 28 2.77 17.50 11.89
C PRO A 28 1.74 16.70 11.12
N VAL A 29 1.84 15.40 11.34
CA VAL A 29 0.85 14.46 10.77
C VAL A 29 -0.07 14.01 11.91
N LYS A 30 -1.37 14.09 11.68
CA LYS A 30 -2.39 13.57 12.62
C LYS A 30 -2.66 12.13 12.19
N VAL A 31 -2.68 11.21 13.13
CA VAL A 31 -2.88 9.76 12.89
C VAL A 31 -4.07 9.35 13.72
N TRP A 32 -5.09 8.79 13.14
CA TRP A 32 -6.25 8.37 13.95
C TRP A 32 -6.92 7.17 13.33
N GLY A 33 -7.58 6.39 14.17
CA GLY A 33 -8.37 5.26 13.71
C GLY A 33 -8.57 4.28 14.81
N SER A 34 -8.78 3.02 14.46
N SER A 34 -8.77 3.02 14.43
CA SER A 34 -9.11 1.97 15.44
CA SER A 34 -9.19 1.96 15.37
C SER A 34 -8.54 0.65 14.96
C SER A 34 -8.53 0.65 14.94
N ILE A 35 -8.18 -0.18 15.91
CA ILE A 35 -7.70 -1.57 15.64
C ILE A 35 -8.46 -2.48 16.60
N LYS A 36 -9.01 -3.57 16.11
CA LYS A 36 -9.71 -4.51 16.99
C LYS A 36 -9.05 -5.87 16.95
N GLY A 37 -9.41 -6.73 17.89
CA GLY A 37 -8.89 -8.10 17.95
C GLY A 37 -7.58 -8.21 18.70
N LEU A 38 -7.17 -7.19 19.47
CA LEU A 38 -5.88 -7.18 20.18
C LEU A 38 -6.04 -7.69 21.61
N THR A 39 -4.98 -8.18 22.19
CA THR A 39 -4.92 -8.44 23.63
C THR A 39 -4.89 -7.10 24.35
N GLU A 40 -5.42 -7.06 25.54
CA GLU A 40 -5.44 -5.80 26.33
C GLU A 40 -4.00 -5.44 26.68
N GLY A 41 -3.66 -4.16 26.52
CA GLY A 41 -2.35 -3.62 26.86
C GLY A 41 -1.73 -2.92 25.66
N LEU A 42 -0.44 -2.73 25.75
CA LEU A 42 0.32 -1.95 24.76
C LEU A 42 0.78 -2.83 23.62
N HIS A 43 0.74 -2.23 22.42
CA HIS A 43 1.20 -2.89 21.18
C HIS A 43 2.09 -1.96 20.39
N GLY A 44 3.29 -2.40 20.04
CA GLY A 44 4.18 -1.58 19.22
C GLY A 44 3.54 -1.21 17.90
N PHE A 45 3.83 -0.01 17.44
CA PHE A 45 3.12 0.61 16.30
C PHE A 45 4.18 1.31 15.47
N HIS A 46 4.50 0.74 14.32
CA HIS A 46 5.66 1.24 13.56
C HIS A 46 5.37 1.31 12.06
N VAL A 47 6.02 2.27 11.41
CA VAL A 47 6.15 2.23 9.94
C VAL A 47 7.42 1.44 9.64
N HIS A 48 7.31 0.39 8.86
CA HIS A 48 8.41 -0.48 8.39
C HIS A 48 8.82 -0.06 6.98
N GLU A 49 10.03 -0.45 6.59
CA GLU A 49 10.72 0.12 5.43
C GLU A 49 10.07 -0.27 4.11
N PHE A 50 9.58 -1.47 3.96
CA PHE A 50 9.10 -1.89 2.61
C PHE A 50 7.58 -1.97 2.62
N GLY A 51 6.95 -1.45 1.55
CA GLY A 51 5.50 -1.68 1.30
C GLY A 51 5.33 -2.99 0.60
N ASP A 52 5.94 -4.05 1.11
CA ASP A 52 5.99 -5.39 0.50
C ASP A 52 5.29 -6.32 1.44
N ASN A 53 4.09 -6.73 1.11
CA ASN A 53 3.34 -7.67 1.97
C ASN A 53 3.13 -8.98 1.21
N THR A 54 3.98 -9.24 0.23
CA THR A 54 3.85 -10.45 -0.60
C THR A 54 3.93 -11.70 0.25
N ALA A 55 4.73 -11.73 1.32
CA ALA A 55 4.75 -12.91 2.22
C ALA A 55 4.18 -12.51 3.56
N GLY A 56 3.16 -11.67 3.56
CA GLY A 56 2.57 -11.15 4.81
C GLY A 56 3.40 -10.03 5.36
N CYS A 57 3.42 -9.91 6.70
CA CYS A 57 4.05 -8.74 7.33
C CYS A 57 5.58 -8.87 7.41
N THR A 58 6.11 -10.08 7.28
CA THR A 58 7.58 -10.24 7.35
C THR A 58 8.28 -9.52 6.20
N SER A 59 7.67 -9.46 5.01
CA SER A 59 8.33 -8.89 3.82
CA SER A 59 8.29 -8.89 3.80
C SER A 59 8.50 -7.38 3.98
N ALA A 60 7.88 -6.79 5.00
CA ALA A 60 7.99 -5.36 5.29
C ALA A 60 9.38 -4.92 5.76
N GLY A 61 10.22 -5.86 6.19
CA GLY A 61 11.57 -5.46 6.61
C GLY A 61 11.56 -4.74 7.95
N PRO A 62 12.66 -4.04 8.27
CA PRO A 62 12.83 -3.44 9.57
C PRO A 62 12.07 -2.12 9.65
N HIS A 63 12.16 -1.43 10.75
CA HIS A 63 11.55 -0.10 10.91
C HIS A 63 12.10 0.87 9.85
N PHE A 64 11.25 1.73 9.36
CA PHE A 64 11.61 2.79 8.40
C PHE A 64 12.55 3.74 9.09
N ASN A 65 13.77 3.83 8.54
CA ASN A 65 14.91 4.49 9.22
C ASN A 65 15.74 5.22 8.17
N PRO A 66 15.19 6.18 7.44
CA PRO A 66 15.93 6.85 6.38
C PRO A 66 17.13 7.65 6.89
N LEU A 67 17.15 8.06 8.15
CA LEU A 67 18.23 8.90 8.71
C LEU A 67 19.23 8.08 9.55
N SER A 68 19.14 6.75 9.51
N SER A 68 19.13 6.76 9.52
CA SER A 68 20.17 5.83 10.06
CA SER A 68 20.18 5.86 10.08
C SER A 68 20.38 6.11 11.56
C SER A 68 20.38 6.13 11.57
N ARG A 69 19.28 6.20 12.33
CA ARG A 69 19.36 6.37 13.79
C ARG A 69 19.06 5.07 14.54
N LYS A 70 19.26 5.06 15.83
CA LYS A 70 18.79 3.96 16.69
C LYS A 70 17.27 4.08 16.96
N HIS A 71 16.69 2.96 17.38
CA HIS A 71 15.27 2.86 17.74
C HIS A 71 15.01 3.71 18.98
N GLY A 72 13.89 4.39 19.03
CA GLY A 72 13.46 5.12 20.23
C GLY A 72 11.97 5.26 20.28
N GLY A 73 11.49 6.07 21.19
CA GLY A 73 10.08 6.40 21.26
C GLY A 73 9.80 7.64 20.41
N PRO A 74 8.53 7.93 20.13
CA PRO A 74 8.20 9.03 19.24
C PRO A 74 8.63 10.39 19.77
N LYS A 75 8.73 10.53 21.09
CA LYS A 75 9.10 11.83 21.69
C LYS A 75 10.61 12.02 21.67
N ASP A 76 11.41 11.00 21.36
CA ASP A 76 12.89 11.07 21.41
C ASP A 76 13.45 11.67 20.13
N GLU A 77 14.53 12.44 20.27
CA GLU A 77 15.30 12.91 19.09
C GLU A 77 15.96 11.71 18.42
N GLU A 78 16.53 10.78 19.20
N GLU A 78 16.48 10.79 19.24
CA GLU A 78 17.14 9.54 18.64
CA GLU A 78 17.08 9.53 18.76
C GLU A 78 16.04 8.49 18.47
C GLU A 78 15.92 8.56 18.51
N ARG A 79 15.51 8.41 17.25
CA ARG A 79 14.42 7.47 16.88
C ARG A 79 14.55 7.20 15.41
N HIS A 80 13.97 6.12 14.98
CA HIS A 80 13.67 5.89 13.56
C HIS A 80 12.50 6.78 13.14
N VAL A 81 12.44 7.17 11.89
CA VAL A 81 11.25 7.91 11.40
C VAL A 81 10.00 7.08 11.69
N GLY A 82 10.05 5.77 11.53
CA GLY A 82 8.87 4.93 11.70
C GLY A 82 8.51 4.60 13.12
N ASP A 83 9.13 5.20 14.13
CA ASP A 83 8.87 4.87 15.55
C ASP A 83 7.69 5.66 16.11
N LEU A 84 6.49 5.08 16.01
CA LEU A 84 5.24 5.71 16.50
C LEU A 84 4.87 5.14 17.86
N GLY A 85 5.76 4.47 18.55
CA GLY A 85 5.52 4.09 19.96
C GLY A 85 4.56 2.91 20.07
N ASN A 86 3.57 3.04 20.95
CA ASN A 86 2.56 1.99 21.22
C ASN A 86 1.18 2.52 21.01
N VAL A 87 0.28 1.64 20.68
CA VAL A 87 -1.17 1.87 20.82
C VAL A 87 -1.62 1.01 21.98
N THR A 88 -2.80 1.33 22.52
CA THR A 88 -3.33 0.68 23.72
C THR A 88 -4.68 0.08 23.45
N ALA A 89 -4.80 -1.23 23.64
CA ALA A 89 -6.06 -1.93 23.55
C ALA A 89 -6.69 -2.07 24.95
N ASP A 90 -7.98 -1.88 24.95
CA ASP A 90 -8.85 -2.04 26.15
C ASP A 90 -9.21 -3.51 26.31
N LYS A 91 -9.99 -3.83 27.34
CA LYS A 91 -10.39 -5.23 27.65
C LYS A 91 -11.26 -5.82 26.54
N ASP A 92 -11.89 -5.01 25.69
CA ASP A 92 -12.67 -5.51 24.53
C ASP A 92 -11.72 -5.76 23.34
N GLY A 93 -10.44 -5.51 23.51
CA GLY A 93 -9.44 -5.74 22.43
C GLY A 93 -9.41 -4.61 21.40
N VAL A 94 -9.94 -3.45 21.74
CA VAL A 94 -10.00 -2.32 20.78
C VAL A 94 -8.99 -1.24 21.18
N ALA A 95 -8.14 -0.84 20.24
CA ALA A 95 -7.24 0.32 20.42
C ALA A 95 -7.79 1.49 19.63
N ASP A 96 -8.14 2.57 20.30
CA ASP A 96 -8.48 3.84 19.65
C ASP A 96 -7.18 4.59 19.44
N VAL A 97 -6.82 4.82 18.20
CA VAL A 97 -5.51 5.45 17.87
C VAL A 97 -5.72 6.92 17.70
N SER A 98 -4.87 7.68 18.38
CA SER A 98 -4.88 9.13 18.26
C SER A 98 -3.48 9.60 18.55
N ILE A 99 -2.74 10.00 17.51
CA ILE A 99 -1.30 10.36 17.59
C ILE A 99 -1.15 11.64 16.78
N GLU A 100 -0.28 12.53 17.22
CA GLU A 100 0.24 13.63 16.37
C GLU A 100 1.75 13.47 16.31
N ASP A 101 2.33 13.44 15.13
CA ASP A 101 3.78 13.17 15.03
C ASP A 101 4.41 14.20 14.09
N SER A 102 5.59 14.68 14.45
CA SER A 102 6.33 15.74 13.73
CA SER A 102 6.31 15.74 13.71
C SER A 102 7.47 15.17 12.90
N VAL A 103 7.71 13.86 12.95
CA VAL A 103 8.87 13.26 12.29
C VAL A 103 8.43 12.52 11.02
N ILE A 104 7.38 11.72 11.09
CA ILE A 104 6.80 11.16 9.83
C ILE A 104 6.33 12.35 8.99
N SER A 105 6.20 12.14 7.70
CA SER A 105 5.63 13.12 6.78
C SER A 105 4.83 12.38 5.71
N LEU A 106 3.99 13.13 5.01
CA LEU A 106 3.34 12.63 3.79
C LEU A 106 4.01 13.24 2.55
N SER A 107 5.22 13.80 2.66
CA SER A 107 6.04 14.25 1.51
C SER A 107 7.53 14.23 1.86
N GLY A 108 8.42 14.21 0.86
CA GLY A 108 9.88 14.27 1.10
C GLY A 108 10.48 12.96 1.58
N ASP A 109 11.71 12.97 2.05
CA ASP A 109 12.40 11.70 2.38
C ASP A 109 11.92 11.14 3.70
N HIS A 110 11.09 11.83 4.46
CA HIS A 110 10.41 11.21 5.63
C HIS A 110 9.04 10.69 5.25
N CYS A 111 8.71 10.69 3.97
CA CYS A 111 7.37 10.28 3.55
C CYS A 111 7.16 8.81 3.85
N ILE A 112 5.97 8.48 4.34
CA ILE A 112 5.61 7.08 4.68
C ILE A 112 4.74 6.42 3.62
N ILE A 113 4.31 7.13 2.59
CA ILE A 113 3.47 6.55 1.53
C ILE A 113 4.25 5.43 0.82
N GLY A 114 3.61 4.29 0.63
CA GLY A 114 4.25 3.13 0.00
C GLY A 114 5.05 2.29 0.96
N ARG A 115 5.10 2.64 2.23
CA ARG A 115 5.71 1.81 3.28
C ARG A 115 4.62 0.99 3.96
N THR A 116 4.98 0.24 5.00
CA THR A 116 4.01 -0.65 5.69
C THR A 116 3.79 -0.14 7.10
N LEU A 117 2.57 -0.12 7.57
CA LEU A 117 2.28 0.09 8.99
C LEU A 117 2.04 -1.26 9.66
N VAL A 118 2.66 -1.50 10.80
CA VAL A 118 2.59 -2.78 11.52
C VAL A 118 2.19 -2.54 12.96
N VAL A 119 1.24 -3.34 13.44
CA VAL A 119 0.91 -3.43 14.88
C VAL A 119 1.46 -4.76 15.39
N HIS A 120 2.18 -4.68 16.51
CA HIS A 120 2.97 -5.77 17.06
C HIS A 120 2.26 -6.44 18.24
N GLU A 121 2.76 -7.62 18.51
CA GLU A 121 2.28 -8.51 19.59
C GLU A 121 2.41 -7.91 20.99
N LYS A 122 3.54 -7.25 21.24
CA LYS A 122 3.99 -6.87 22.61
C LYS A 122 4.20 -5.36 22.63
N ALA A 123 4.51 -4.84 23.81
CA ALA A 123 4.85 -3.42 23.97
C ALA A 123 6.21 -3.14 23.35
N ASP A 124 6.31 -1.98 22.73
CA ASP A 124 7.60 -1.38 22.36
C ASP A 124 8.21 -0.75 23.62
N ASP A 125 9.43 -1.12 23.96
CA ASP A 125 10.12 -0.59 25.16
C ASP A 125 10.79 0.76 24.87
N LEU A 126 10.56 1.30 23.67
CA LEU A 126 11.00 2.64 23.24
C LEU A 126 12.50 2.79 23.39
N GLY A 127 13.25 1.72 23.20
CA GLY A 127 14.71 1.78 23.24
C GLY A 127 15.26 1.75 24.66
N LYS A 128 14.45 1.49 25.68
CA LYS A 128 14.89 1.60 27.11
C LYS A 128 14.91 0.22 27.74
N GLY A 129 14.92 -0.84 26.95
CA GLY A 129 14.88 -2.18 27.50
C GLY A 129 16.24 -2.70 27.91
N GLY A 130 17.31 -2.01 27.56
CA GLY A 130 18.69 -2.33 28.02
C GLY A 130 19.18 -3.66 27.50
N ASN A 131 18.74 -4.09 26.32
CA ASN A 131 19.39 -5.20 25.57
C ASN A 131 19.63 -4.74 24.15
N GLU A 132 20.34 -5.54 23.36
CA GLU A 132 20.75 -5.12 22.01
C GLU A 132 19.50 -4.93 21.15
N GLU A 133 18.50 -5.80 21.31
CA GLU A 133 17.30 -5.73 20.44
C GLU A 133 16.54 -4.44 20.76
N SER A 134 16.61 -3.90 21.99
CA SER A 134 15.79 -2.73 22.37
C SER A 134 16.06 -1.57 21.41
N THR A 135 17.33 -1.31 21.07
CA THR A 135 17.67 -0.12 20.24
C THR A 135 17.63 -0.48 18.75
N LYS A 136 17.04 -1.62 18.41
CA LYS A 136 16.74 -2.00 16.99
C LYS A 136 15.23 -2.09 16.78
N THR A 137 14.51 -2.86 17.59
CA THR A 137 13.07 -3.17 17.37
C THR A 137 12.20 -2.72 18.54
N GLY A 138 12.78 -2.36 19.69
CA GLY A 138 12.00 -2.12 20.92
C GLY A 138 11.42 -3.38 21.54
N ASN A 139 11.81 -4.56 21.07
CA ASN A 139 11.34 -5.86 21.67
C ASN A 139 9.82 -5.99 21.57
N ALA A 140 9.20 -5.50 20.50
CA ALA A 140 7.73 -5.50 20.37
C ALA A 140 7.20 -6.84 19.84
N GLY A 141 8.09 -7.77 19.52
CA GLY A 141 7.63 -9.09 19.13
C GLY A 141 6.97 -9.14 17.76
N SER A 142 6.16 -10.15 17.59
CA SER A 142 5.72 -10.53 16.23
C SER A 142 4.80 -9.46 15.63
N ARG A 143 4.52 -9.63 14.36
CA ARG A 143 3.71 -8.71 13.56
C ARG A 143 2.29 -9.24 13.49
N LEU A 144 1.34 -8.62 14.16
CA LEU A 144 -0.03 -9.17 14.26
C LEU A 144 -0.81 -8.75 13.04
N ALA A 145 -0.60 -7.57 12.50
CA ALA A 145 -1.39 -7.05 11.37
C ALA A 145 -0.60 -5.95 10.70
N CYS A 146 -0.81 -5.78 9.42
CA CYS A 146 -0.05 -4.76 8.68
C CYS A 146 -0.82 -4.40 7.44
N GLY A 147 -0.39 -3.32 6.83
CA GLY A 147 -0.94 -2.92 5.52
C GLY A 147 -0.01 -1.91 4.89
N VAL A 148 -0.14 -1.72 3.59
CA VAL A 148 0.68 -0.75 2.84
C VAL A 148 -0.04 0.58 2.96
N ILE A 149 0.71 1.64 3.11
CA ILE A 149 0.19 3.00 3.38
C ILE A 149 -0.06 3.65 2.02
N GLY A 150 -1.31 4.08 1.79
CA GLY A 150 -1.73 4.55 0.47
C GLY A 150 -2.31 5.94 0.50
N ILE A 151 -2.42 6.55 -0.68
CA ILE A 151 -2.97 7.90 -0.88
C ILE A 151 -4.49 7.85 -0.80
N ALA A 152 -5.11 8.72 -0.02
CA ALA A 152 -6.56 8.81 0.14
C ALA A 152 -7.09 10.03 -0.61
N GLN A 153 -8.39 10.03 -0.79
CA GLN A 153 -9.15 11.13 -1.42
C GLN A 153 -9.12 12.37 -0.51
N ALA B 1 16.68 -0.22 -10.86
CA ALA B 1 17.07 0.74 -9.82
C ALA B 1 15.90 0.97 -8.83
N THR B 2 14.68 1.25 -9.27
CA THR B 2 13.54 1.33 -8.33
C THR B 2 12.67 0.10 -8.50
N LYS B 3 12.31 -0.52 -7.38
CA LYS B 3 11.51 -1.76 -7.34
C LYS B 3 10.30 -1.51 -6.46
N VAL B 4 9.14 -1.85 -6.99
CA VAL B 4 7.84 -1.68 -6.31
C VAL B 4 7.06 -2.98 -6.46
N VAL B 5 6.15 -3.26 -5.56
CA VAL B 5 5.42 -4.54 -5.59
C VAL B 5 3.99 -4.31 -5.12
N CYS B 6 3.16 -5.23 -5.52
CA CYS B 6 1.75 -5.21 -5.09
C CYS B 6 1.27 -6.64 -4.90
N VAL B 7 0.61 -6.90 -3.79
CA VAL B 7 -0.06 -8.18 -3.55
C VAL B 7 -1.55 -7.94 -3.73
N LEU B 8 -2.17 -8.67 -4.64
CA LEU B 8 -3.59 -8.51 -4.97
C LEU B 8 -4.41 -9.52 -4.18
N LYS B 9 -5.44 -9.06 -3.49
CA LYS B 9 -6.34 -9.92 -2.73
C LYS B 9 -7.74 -9.36 -2.89
N GLY B 10 -8.77 -10.18 -2.72
CA GLY B 10 -10.16 -9.72 -2.72
C GLY B 10 -11.04 -10.67 -1.93
N ASP B 11 -12.32 -10.72 -2.31
CA ASP B 11 -13.35 -11.43 -1.51
C ASP B 11 -13.49 -12.87 -1.99
N GLY B 12 -12.87 -13.24 -3.11
CA GLY B 12 -13.03 -14.53 -3.79
C GLY B 12 -11.71 -15.26 -3.88
N PRO B 13 -11.50 -16.08 -4.92
CA PRO B 13 -10.31 -16.90 -5.01
C PRO B 13 -9.12 -16.21 -5.68
N VAL B 14 -9.31 -14.97 -6.19
CA VAL B 14 -8.26 -14.31 -7.01
C VAL B 14 -7.19 -13.72 -6.11
N GLN B 15 -5.96 -14.12 -6.35
CA GLN B 15 -4.79 -13.54 -5.66
C GLN B 15 -3.67 -13.38 -6.65
N GLY B 16 -2.82 -12.42 -6.44
CA GLY B 16 -1.71 -12.17 -7.36
C GLY B 16 -0.55 -11.50 -6.68
N ILE B 17 0.55 -11.49 -7.35
CA ILE B 17 1.80 -10.79 -6.98
C ILE B 17 2.28 -10.09 -8.23
N ILE B 18 2.43 -8.78 -8.20
CA ILE B 18 2.92 -8.00 -9.35
C ILE B 18 4.10 -7.19 -8.91
N ASN B 19 5.16 -7.23 -9.67
CA ASN B 19 6.41 -6.51 -9.48
C ASN B 19 6.52 -5.46 -10.57
N PHE B 20 7.05 -4.33 -10.19
CA PHE B 20 7.36 -3.22 -11.10
C PHE B 20 8.81 -2.80 -10.90
N GLU B 21 9.52 -2.64 -12.00
CA GLU B 21 10.94 -2.23 -11.90
C GLU B 21 11.19 -1.12 -12.92
N GLN B 22 11.94 -0.12 -12.53
CA GLN B 22 12.26 1.02 -13.41
C GLN B 22 13.75 1.29 -13.18
N LYS B 23 14.55 1.07 -14.22
CA LYS B 23 16.03 1.26 -14.14
C LYS B 23 16.38 2.73 -14.03
N GLU B 24 15.68 3.56 -14.76
CA GLU B 24 15.98 5.00 -14.81
C GLU B 24 14.65 5.78 -14.81
N SER B 25 14.65 6.98 -14.27
CA SER B 25 13.39 7.75 -14.14
C SER B 25 12.81 8.11 -15.50
N ASN B 26 13.61 8.16 -16.57
CA ASN B 26 13.07 8.48 -17.92
C ASN B 26 12.83 7.20 -18.71
N GLY B 27 12.90 6.04 -18.06
CA GLY B 27 12.79 4.77 -18.79
C GLY B 27 11.45 4.11 -18.54
N PRO B 28 11.19 3.01 -19.26
CA PRO B 28 9.94 2.27 -19.08
C PRO B 28 9.94 1.51 -17.75
N VAL B 29 8.74 1.12 -17.37
CA VAL B 29 8.56 0.24 -16.19
C VAL B 29 8.26 -1.16 -16.70
N LYS B 30 9.02 -2.14 -16.22
CA LYS B 30 8.75 -3.55 -16.46
C LYS B 30 7.78 -4.02 -15.38
N VAL B 31 6.74 -4.73 -15.77
CA VAL B 31 5.67 -5.23 -14.88
C VAL B 31 5.65 -6.72 -15.05
N TRP B 32 5.85 -7.48 -14.01
CA TRP B 32 5.88 -8.95 -14.15
C TRP B 32 5.36 -9.58 -12.89
N GLY B 33 4.77 -10.76 -13.05
CA GLY B 33 4.30 -11.55 -11.91
C GLY B 33 3.20 -12.44 -12.34
N SER B 34 2.32 -12.82 -11.42
N SER B 34 2.29 -12.74 -11.46
CA SER B 34 1.31 -13.87 -11.64
CA SER B 34 1.24 -13.70 -11.84
C SER B 34 0.02 -13.53 -10.91
C SER B 34 0.02 -13.44 -10.98
N ILE B 35 -1.13 -13.75 -11.55
CA ILE B 35 -2.44 -13.68 -10.87
C ILE B 35 -3.12 -15.01 -11.07
N LYS B 36 -3.65 -15.56 -10.02
CA LYS B 36 -4.21 -16.92 -10.08
C LYS B 36 -5.64 -16.88 -9.57
N GLY B 37 -6.39 -17.91 -9.90
CA GLY B 37 -7.79 -17.97 -9.50
C GLY B 37 -8.75 -17.27 -10.43
N LEU B 38 -8.28 -16.89 -11.62
CA LEU B 38 -9.10 -16.14 -12.62
C LEU B 38 -9.86 -17.10 -13.55
N THR B 39 -10.94 -16.62 -14.10
CA THR B 39 -11.59 -17.31 -15.24
C THR B 39 -10.72 -17.16 -16.48
N GLU B 40 -10.69 -18.12 -17.36
CA GLU B 40 -9.88 -18.04 -18.60
C GLU B 40 -10.31 -16.81 -19.40
N GLY B 41 -9.32 -16.15 -19.97
CA GLY B 41 -9.55 -15.06 -20.93
C GLY B 41 -9.02 -13.76 -20.37
N LEU B 42 -9.52 -12.69 -20.93
CA LEU B 42 -8.98 -11.34 -20.67
C LEU B 42 -9.64 -10.73 -19.42
N HIS B 43 -8.81 -10.07 -18.62
CA HIS B 43 -9.24 -9.34 -17.43
C HIS B 43 -8.63 -7.95 -17.39
N GLY B 44 -9.47 -6.94 -17.20
CA GLY B 44 -8.93 -5.58 -17.14
C GLY B 44 -7.98 -5.39 -15.96
N PHE B 45 -6.98 -4.56 -16.17
CA PHE B 45 -5.79 -4.47 -15.30
C PHE B 45 -5.45 -2.99 -15.22
N HIS B 46 -5.71 -2.35 -14.09
CA HIS B 46 -5.59 -0.89 -14.00
C HIS B 46 -4.97 -0.44 -12.70
N VAL B 47 -4.27 0.69 -12.73
CA VAL B 47 -3.94 1.46 -11.50
C VAL B 47 -5.09 2.42 -11.27
N HIS B 48 -5.71 2.31 -10.11
CA HIS B 48 -6.79 3.20 -9.63
C HIS B 48 -6.22 4.25 -8.69
N GLU B 49 -6.94 5.36 -8.54
CA GLU B 49 -6.39 6.60 -8.00
C GLU B 49 -6.02 6.46 -6.53
N PHE B 50 -6.79 5.81 -5.70
CA PHE B 50 -6.57 5.86 -4.24
C PHE B 50 -5.99 4.54 -3.78
N GLY B 51 -4.95 4.59 -2.93
CA GLY B 51 -4.43 3.46 -2.18
C GLY B 51 -5.25 3.22 -0.94
N ASP B 52 -6.56 3.13 -1.11
CA ASP B 52 -7.55 3.09 0.00
C ASP B 52 -8.32 1.80 -0.15
N ASN B 53 -8.21 0.89 0.77
CA ASN B 53 -8.92 -0.41 0.74
C ASN B 53 -9.91 -0.46 1.90
N THR B 54 -10.31 0.68 2.42
CA THR B 54 -11.17 0.74 3.64
C THR B 54 -12.37 -0.21 3.54
N ALA B 55 -13.08 -0.16 2.44
CA ALA B 55 -14.29 -0.97 2.22
C ALA B 55 -14.03 -1.97 1.11
N GLY B 56 -12.80 -2.41 0.95
CA GLY B 56 -12.42 -3.28 -0.15
C GLY B 56 -12.09 -2.47 -1.40
N CYS B 57 -12.01 -3.17 -2.52
CA CYS B 57 -11.42 -2.58 -3.73
C CYS B 57 -12.23 -1.40 -4.27
N THR B 58 -13.49 -1.31 -3.90
N THR B 58 -13.51 -1.32 -3.91
CA THR B 58 -14.33 -0.18 -4.35
CA THR B 58 -14.36 -0.15 -4.29
C THR B 58 -13.73 1.14 -3.82
C THR B 58 -13.72 1.15 -3.82
N SER B 59 -13.04 1.12 -2.68
CA SER B 59 -12.51 2.35 -2.07
C SER B 59 -11.40 2.99 -2.89
N ALA B 60 -10.88 2.23 -3.84
CA ALA B 60 -9.76 2.74 -4.65
C ALA B 60 -10.19 3.79 -5.67
N GLY B 61 -11.48 3.98 -5.88
CA GLY B 61 -11.93 5.06 -6.77
C GLY B 61 -11.71 4.74 -8.24
N PRO B 62 -11.64 5.78 -9.11
CA PRO B 62 -11.61 5.59 -10.56
C PRO B 62 -10.18 5.30 -11.00
N HIS B 63 -9.99 5.09 -12.27
CA HIS B 63 -8.65 4.88 -12.86
C HIS B 63 -7.78 6.10 -12.56
N PHE B 64 -6.52 5.86 -12.28
CA PHE B 64 -5.53 6.93 -12.02
C PHE B 64 -5.37 7.75 -13.30
N ASN B 65 -5.76 9.02 -13.22
CA ASN B 65 -5.94 9.87 -14.42
C ASN B 65 -5.47 11.28 -14.14
N PRO B 66 -4.18 11.49 -13.78
CA PRO B 66 -3.75 12.85 -13.44
C PRO B 66 -3.79 13.82 -14.60
N LEU B 67 -3.81 13.36 -15.84
CA LEU B 67 -3.78 14.23 -17.04
C LEU B 67 -5.18 14.41 -17.63
N SER B 68 -6.24 13.94 -16.96
CA SER B 68 -7.64 14.25 -17.36
C SER B 68 -7.91 13.81 -18.79
N ARG B 69 -7.54 12.57 -19.11
CA ARG B 69 -7.78 11.97 -20.43
C ARG B 69 -8.95 11.00 -20.36
N LYS B 70 -9.39 10.53 -21.51
CA LYS B 70 -10.34 9.42 -21.60
C LYS B 70 -9.61 8.08 -21.47
N HIS B 71 -10.38 7.07 -21.17
CA HIS B 71 -9.91 5.67 -21.03
C HIS B 71 -9.42 5.16 -22.38
N GLY B 72 -8.33 4.42 -22.37
CA GLY B 72 -7.85 3.71 -23.56
C GLY B 72 -7.05 2.49 -23.20
N GLY B 73 -6.38 1.94 -24.20
CA GLY B 73 -5.41 0.86 -23.97
C GLY B 73 -4.01 1.39 -23.77
N PRO B 74 -3.07 0.53 -23.31
CA PRO B 74 -1.76 1.01 -22.93
C PRO B 74 -0.94 1.54 -24.09
N LYS B 75 -1.27 1.10 -25.28
CA LYS B 75 -0.50 1.51 -26.48
C LYS B 75 -1.18 2.68 -27.16
N ASP B 76 -2.20 3.27 -26.59
CA ASP B 76 -2.89 4.47 -27.13
C ASP B 76 -2.28 5.74 -26.57
N GLU B 77 -2.31 6.84 -27.32
CA GLU B 77 -2.02 8.18 -26.78
C GLU B 77 -3.12 8.54 -25.78
N GLU B 78 -4.37 8.35 -26.19
CA GLU B 78 -5.54 8.72 -25.34
C GLU B 78 -5.78 7.57 -24.37
N ARG B 79 -5.26 7.75 -23.14
CA ARG B 79 -5.40 6.75 -22.07
C ARG B 79 -5.26 7.48 -20.76
N HIS B 80 -5.76 6.87 -19.74
CA HIS B 80 -5.40 7.19 -18.35
C HIS B 80 -3.98 6.70 -18.07
N VAL B 81 -3.29 7.36 -17.18
CA VAL B 81 -1.99 6.82 -16.75
C VAL B 81 -2.17 5.39 -16.24
N GLY B 82 -3.24 5.10 -15.52
CA GLY B 82 -3.46 3.77 -14.98
C GLY B 82 -3.88 2.69 -15.93
N ASP B 83 -4.01 2.97 -17.22
CA ASP B 83 -4.57 2.00 -18.21
C ASP B 83 -3.53 0.98 -18.68
N LEU B 84 -3.46 -0.15 -17.99
CA LEU B 84 -2.50 -1.22 -18.34
C LEU B 84 -3.19 -2.32 -19.14
N GLY B 85 -4.36 -2.11 -19.67
CA GLY B 85 -4.97 -3.06 -20.60
C GLY B 85 -5.56 -4.26 -19.91
N ASN B 86 -5.29 -5.42 -20.47
CA ASN B 86 -5.77 -6.72 -19.94
C ASN B 86 -4.62 -7.65 -19.62
N VAL B 87 -4.84 -8.46 -18.61
CA VAL B 87 -4.01 -9.68 -18.45
C VAL B 87 -4.84 -10.82 -19.04
N THR B 88 -4.16 -11.92 -19.36
CA THR B 88 -4.82 -13.10 -19.92
C THR B 88 -4.59 -14.30 -19.00
N ALA B 89 -5.68 -14.83 -18.49
CA ALA B 89 -5.63 -16.06 -17.69
C ALA B 89 -5.74 -17.27 -18.64
N ASP B 90 -4.92 -18.27 -18.30
CA ASP B 90 -4.81 -19.49 -19.13
C ASP B 90 -5.94 -20.42 -18.69
N LYS B 91 -5.95 -21.63 -19.28
CA LYS B 91 -7.01 -22.60 -19.00
C LYS B 91 -7.04 -23.03 -17.52
N ASP B 92 -5.94 -22.79 -16.79
CA ASP B 92 -5.78 -23.15 -15.35
C ASP B 92 -6.00 -21.93 -14.47
N GLY B 93 -6.49 -20.83 -15.04
CA GLY B 93 -6.82 -19.61 -14.24
C GLY B 93 -5.60 -18.80 -13.86
N VAL B 94 -4.48 -19.01 -14.51
CA VAL B 94 -3.21 -18.32 -14.19
C VAL B 94 -2.94 -17.30 -15.30
N ALA B 95 -2.76 -16.06 -14.89
CA ALA B 95 -2.27 -15.01 -15.80
C ALA B 95 -0.82 -14.76 -15.47
N ASP B 96 0.08 -15.12 -16.35
CA ASP B 96 1.50 -14.75 -16.22
C ASP B 96 1.64 -13.37 -16.83
N VAL B 97 2.01 -12.40 -16.03
CA VAL B 97 2.03 -11.00 -16.46
C VAL B 97 3.42 -10.66 -16.86
N SER B 98 3.45 -10.00 -18.00
CA SER B 98 4.67 -9.51 -18.62
C SER B 98 4.32 -8.31 -19.49
N ILE B 99 4.55 -7.12 -18.95
CA ILE B 99 4.16 -5.84 -19.60
C ILE B 99 5.40 -4.95 -19.52
N GLU B 100 5.65 -4.15 -20.54
CA GLU B 100 6.56 -3.00 -20.43
C GLU B 100 5.69 -1.78 -20.71
N ASP B 101 5.74 -0.78 -19.85
CA ASP B 101 4.86 0.41 -20.05
C ASP B 101 5.71 1.67 -19.91
N SER B 102 5.44 2.63 -20.81
CA SER B 102 6.16 3.91 -20.89
C SER B 102 5.44 5.06 -20.20
N VAL B 103 4.19 4.88 -19.78
CA VAL B 103 3.40 5.98 -19.22
C VAL B 103 3.42 5.93 -17.69
N ILE B 104 3.15 4.80 -17.07
CA ILE B 104 3.34 4.72 -15.60
C ILE B 104 4.80 5.00 -15.24
N SER B 105 5.04 5.42 -14.02
CA SER B 105 6.40 5.62 -13.52
C SER B 105 6.44 5.25 -12.07
N LEU B 106 7.65 5.13 -11.54
CA LEU B 106 7.88 4.94 -10.07
C LEU B 106 8.44 6.24 -9.47
N SER B 107 8.31 7.35 -10.18
CA SER B 107 8.64 8.69 -9.61
C SER B 107 7.89 9.75 -10.40
N GLY B 108 7.78 10.96 -9.83
CA GLY B 108 7.10 12.12 -10.44
C GLY B 108 5.59 12.01 -10.49
N ASP B 109 4.96 12.83 -11.33
CA ASP B 109 3.49 13.00 -11.31
C ASP B 109 2.82 11.76 -11.88
N HIS B 110 3.53 10.89 -12.62
CA HIS B 110 2.94 9.63 -13.11
C HIS B 110 3.24 8.50 -12.13
N CYS B 111 3.76 8.80 -10.95
CA CYS B 111 4.14 7.77 -9.99
C CYS B 111 2.91 7.01 -9.53
N ILE B 112 3.06 5.69 -9.44
CA ILE B 112 1.96 4.81 -9.01
C ILE B 112 2.12 4.29 -7.59
N ILE B 113 3.21 4.62 -6.90
CA ILE B 113 3.40 4.22 -5.49
C ILE B 113 2.27 4.83 -4.65
N GLY B 114 1.71 4.02 -3.80
CA GLY B 114 0.61 4.45 -2.91
C GLY B 114 -0.73 4.51 -3.60
N ARG B 115 -0.82 4.04 -4.83
CA ARG B 115 -2.09 3.89 -5.56
C ARG B 115 -2.48 2.42 -5.48
N THR B 116 -3.59 2.04 -6.11
CA THR B 116 -4.10 0.65 -6.03
C THR B 116 -4.06 -0.01 -7.39
N LEU B 117 -3.53 -1.21 -7.48
CA LEU B 117 -3.64 -2.05 -8.68
C LEU B 117 -4.86 -2.94 -8.54
N VAL B 118 -5.67 -3.05 -9.57
CA VAL B 118 -6.93 -3.81 -9.57
C VAL B 118 -6.95 -4.73 -10.78
N VAL B 119 -7.38 -5.97 -10.56
CA VAL B 119 -7.72 -6.91 -11.65
C VAL B 119 -9.23 -7.08 -11.63
N HIS B 120 -9.81 -6.96 -12.83
CA HIS B 120 -11.27 -6.89 -13.03
C HIS B 120 -11.86 -8.22 -13.53
N GLU B 121 -13.17 -8.25 -13.37
CA GLU B 121 -14.03 -9.41 -13.70
C GLU B 121 -14.04 -9.70 -15.20
N LYS B 122 -14.18 -8.63 -16.01
CA LYS B 122 -14.45 -8.73 -17.47
C LYS B 122 -13.25 -8.16 -18.22
N ALA B 123 -13.20 -8.36 -19.53
CA ALA B 123 -12.21 -7.69 -20.38
C ALA B 123 -12.42 -6.19 -20.37
N ASP B 124 -11.30 -5.49 -20.42
CA ASP B 124 -11.27 -4.06 -20.74
C ASP B 124 -11.38 -3.92 -22.26
N ASP B 125 -12.40 -3.16 -22.73
CA ASP B 125 -12.57 -2.94 -24.18
C ASP B 125 -11.63 -1.89 -24.73
N LEU B 126 -10.74 -1.34 -23.88
CA LEU B 126 -9.68 -0.39 -24.29
C LEU B 126 -10.28 0.85 -24.94
N GLY B 127 -11.48 1.23 -24.52
CA GLY B 127 -12.13 2.43 -25.07
C GLY B 127 -12.85 2.15 -26.38
N LYS B 128 -12.94 0.89 -26.83
CA LYS B 128 -13.55 0.51 -28.15
C LYS B 128 -14.78 -0.38 -27.91
N GLY B 129 -15.61 0.01 -26.99
CA GLY B 129 -16.85 -0.72 -26.72
C GLY B 129 -18.06 -0.09 -27.38
N GLY B 130 -17.96 1.16 -27.79
CA GLY B 130 -19.09 1.82 -28.46
C GLY B 130 -20.14 2.36 -27.52
N ASN B 131 -19.86 2.53 -26.23
CA ASN B 131 -20.79 3.26 -25.33
C ASN B 131 -19.98 4.25 -24.52
N GLU B 132 -20.67 5.11 -23.78
CA GLU B 132 -20.00 6.17 -22.98
C GLU B 132 -19.15 5.51 -21.90
N GLU B 133 -19.56 4.43 -21.29
CA GLU B 133 -18.79 3.81 -20.18
C GLU B 133 -17.45 3.30 -20.72
N SER B 134 -17.40 2.94 -22.00
CA SER B 134 -16.16 2.42 -22.60
C SER B 134 -15.03 3.44 -22.43
N THR B 135 -15.37 4.72 -22.55
CA THR B 135 -14.46 5.88 -22.48
C THR B 135 -14.06 6.23 -21.04
N LYS B 136 -14.64 5.57 -20.05
CA LYS B 136 -14.36 5.84 -18.62
C LYS B 136 -13.73 4.64 -17.96
N THR B 137 -14.31 3.46 -18.12
CA THR B 137 -13.85 2.29 -17.37
C THR B 137 -13.42 1.15 -18.30
N GLY B 138 -13.75 1.23 -19.60
CA GLY B 138 -13.53 0.09 -20.50
C GLY B 138 -14.52 -1.05 -20.31
N ASN B 139 -15.55 -0.83 -19.51
CA ASN B 139 -16.60 -1.85 -19.23
C ASN B 139 -15.98 -3.13 -18.66
N ALA B 140 -14.98 -3.01 -17.79
CA ALA B 140 -14.29 -4.20 -17.24
C ALA B 140 -14.97 -4.79 -16.02
N GLY B 141 -16.09 -4.22 -15.59
CA GLY B 141 -16.88 -4.80 -14.50
C GLY B 141 -16.16 -4.78 -13.15
N SER B 142 -16.54 -5.73 -12.34
CA SER B 142 -16.27 -5.64 -10.90
C SER B 142 -14.77 -5.84 -10.62
N ARG B 143 -14.41 -5.63 -9.39
CA ARG B 143 -13.02 -5.66 -8.92
C ARG B 143 -12.78 -6.96 -8.21
N LEU B 144 -12.03 -7.87 -8.80
CA LEU B 144 -11.85 -9.22 -8.24
C LEU B 144 -10.80 -9.21 -7.14
N ALA B 145 -9.73 -8.44 -7.30
CA ALA B 145 -8.64 -8.38 -6.34
C ALA B 145 -7.88 -7.09 -6.54
N CYS B 146 -7.29 -6.59 -5.47
CA CYS B 146 -6.53 -5.35 -5.54
C CYS B 146 -5.48 -5.30 -4.47
N GLY B 147 -4.60 -4.34 -4.58
CA GLY B 147 -3.63 -4.09 -3.50
C GLY B 147 -3.03 -2.72 -3.66
N VAL B 148 -2.43 -2.20 -2.60
CA VAL B 148 -1.74 -0.90 -2.63
C VAL B 148 -0.33 -1.12 -3.11
N ILE B 149 0.16 -0.27 -3.96
CA ILE B 149 1.47 -0.42 -4.62
C ILE B 149 2.54 0.14 -3.68
N GLY B 150 3.47 -0.70 -3.28
CA GLY B 150 4.45 -0.31 -2.26
C GLY B 150 5.88 -0.46 -2.68
N ILE B 151 6.75 0.18 -1.92
CA ILE B 151 8.21 0.19 -2.19
C ILE B 151 8.83 -1.13 -1.74
N ALA B 152 9.60 -1.77 -2.63
CA ALA B 152 10.25 -3.06 -2.33
C ALA B 152 11.75 -2.83 -2.11
N GLN B 153 12.40 -3.83 -1.54
CA GLN B 153 13.85 -3.81 -1.32
C GLN B 153 14.56 -3.92 -2.67
ZN ZN C . 12.32 1.72 15.45
C1 Q6H D . 8.09 8.07 -2.84
C2 Q6H D . 7.19 7.65 -1.94
C3 Q6H D . 6.44 8.60 -1.21
C4 Q6H D . 6.49 10.02 -1.35
C5 Q6H D . 7.51 10.36 -2.33
C6 Q6H D . 7.66 11.83 -2.62
C10 Q6H D . 8.35 14.71 -2.79
C11 Q6H D . 8.84 16.02 -3.00
C12 Q6H D . 10.15 16.19 -3.39
C13 Q6H D . 8.03 17.25 -2.77
C14 Q6H D . 6.16 18.79 -3.27
C15 Q6H D . 4.83 18.13 -2.98
F Q6H D . 8.80 7.18 -3.54
SE Q6H D . 5.55 11.14 -0.51
C Q6H D . 8.23 9.41 -3.03
O Q6H D . 6.67 12.54 -2.55
N Q6H D . 8.86 12.28 -2.84
C7 Q6H D . 9.20 13.60 -2.99
C8 Q6H D . 10.98 15.10 -3.60
C9 Q6H D . 10.52 13.81 -3.40
O2 Q6H D . 8.34 17.91 -1.74
N1 Q6H D . 7.04 17.63 -3.58
C17 Q6H D . 6.67 17.00 -4.84
C16 Q6H D . 5.25 16.43 -4.64
O1 Q6H D . 4.35 17.42 -4.13
ZN ZN E . 7.70 -3.43 14.02
S SO4 F . 11.82 -8.76 18.70
O1 SO4 F . 11.65 -7.63 17.82
O2 SO4 F . 10.79 -8.77 19.73
O3 SO4 F . 11.72 -9.97 17.93
O4 SO4 F . 13.13 -8.68 19.32
S SO4 G . 10.12 -5.61 14.18
O1 SO4 G . 9.51 -4.36 14.62
O2 SO4 G . 10.44 -6.38 15.38
O3 SO4 G . 11.28 -5.30 13.42
O4 SO4 G . 9.19 -6.39 13.43
ZN ZN H . -8.82 3.95 -17.71
C1 Q6H I . 3.30 10.38 -3.64
C2 Q6H I . 3.47 9.02 -3.79
C3 Q6H I . 4.49 8.52 -4.63
C4 Q6H I . 5.49 9.26 -5.32
C5 Q6H I . 5.24 10.72 -5.08
C6 Q6H I . 6.11 11.71 -5.64
C10 Q6H I . 7.54 13.97 -6.69
C11 Q6H I . 8.25 14.85 -7.48
C12 Q6H I . 7.60 15.48 -8.55
C13 Q6H I . 9.69 15.02 -7.09
C14 Q6H I . 9.35 17.47 -6.72
C15 Q6H I . 9.84 18.35 -7.85
F Q6H I . 2.32 10.83 -2.82
SE Q6H I . 6.64 8.55 -6.28
C Q6H I . 4.22 11.22 -4.26
O Q6H I . 7.31 11.48 -5.55
N Q6H I . 5.50 12.76 -6.21
C7 Q6H I . 6.17 13.70 -6.93
C8 Q6H I . 6.26 15.27 -8.79
C9 Q6H I . 5.52 14.34 -7.98
O2 Q6H I . 10.43 14.04 -7.01
N1 Q6H I . 10.16 16.24 -6.79
C17 Q6H I . 11.59 16.48 -6.57
C16 Q6H I . 12.06 17.46 -7.65
O1 Q6H I . 11.22 18.64 -7.63
ZN ZN J . -10.55 -0.79 -12.92
S SO4 K . -18.33 -1.11 -15.45
O1 SO4 K . -19.20 -0.19 -16.09
O2 SO4 K . -18.81 -1.43 -14.11
O3 SO4 K . -17.03 -0.53 -15.37
O4 SO4 K . -18.28 -2.35 -16.22
S SO4 L . -16.05 14.54 -26.33
O1 SO4 L . -16.32 15.95 -26.44
O2 SO4 L . -16.53 14.06 -25.07
O3 SO4 L . -16.70 13.84 -27.40
O4 SO4 L . -14.63 14.31 -26.45
S SO4 M . -13.57 0.46 -12.86
O1 SO4 M . -13.77 1.88 -12.85
O2 SO4 M . -13.60 -0.05 -11.55
O3 SO4 M . -14.59 -0.20 -13.66
O4 SO4 M . -12.33 0.20 -13.51
#